data_6MCE
#
_entry.id   6MCE
#
loop_
_entity.id
_entity.type
_entity.pdbx_description
1 polymer 'TAR RNA'
2 polymer 'Protein Tat'
#
loop_
_entity_poly.entity_id
_entity_poly.type
_entity_poly.pdbx_seq_one_letter_code
_entity_poly.pdbx_strand_id
1 'polyribonucleotide' GGGCAGAUUGAGCCUGGGAGCUCUCUGCCC A
2 'polypeptide(L)' GISYGRKKRRQRRRAHQ B
#
loop_
_chem_comp.id
_chem_comp.type
_chem_comp.name
_chem_comp.formula
A RNA linking ADENOSINE-5'-MONOPHOSPHATE 'C10 H14 N5 O7 P'
C RNA linking CYTIDINE-5'-MONOPHOSPHATE 'C9 H14 N3 O8 P'
G RNA linking GUANOSINE-5'-MONOPHOSPHATE 'C10 H14 N5 O8 P'
U RNA linking URIDINE-5'-MONOPHOSPHATE 'C9 H13 N2 O9 P'
#
# COMPACT_ATOMS: atom_id res chain seq x y z
N GLY B 1 -4.85 17.05 1.01
CA GLY B 1 -5.69 16.29 1.97
C GLY B 1 -7.17 16.38 1.63
N ILE B 2 -8.04 16.13 2.63
CA ILE B 2 -9.52 16.18 2.55
C ILE B 2 -10.07 15.48 1.28
N SER B 3 -9.57 14.26 1.02
CA SER B 3 -9.83 13.46 -0.19
C SER B 3 -9.94 11.96 0.11
N TYR B 4 -10.43 11.18 -0.85
CA TYR B 4 -10.60 9.73 -0.77
C TYR B 4 -10.27 9.03 -2.12
N GLY B 5 -10.29 7.70 -2.14
CA GLY B 5 -9.87 6.90 -3.30
C GLY B 5 -8.43 6.39 -3.23
N ARG B 6 -7.86 6.24 -2.02
CA ARG B 6 -6.53 5.70 -1.68
C ARG B 6 -6.57 4.98 -0.32
N LYS B 7 -5.52 4.22 -0.01
CA LYS B 7 -5.31 3.52 1.29
C LYS B 7 -3.90 3.70 1.85
N LYS B 8 -3.67 3.16 3.05
CA LYS B 8 -2.37 3.07 3.72
C LYS B 8 -1.37 2.29 2.85
N ARG B 9 -0.10 2.73 2.84
CA ARG B 9 1.00 2.11 2.09
C ARG B 9 1.40 0.74 2.67
N ARG B 10 2.31 0.00 2.01
CA ARG B 10 2.85 -1.32 2.45
C ARG B 10 4.37 -1.35 2.50
N GLN B 11 4.99 -2.28 3.25
CA GLN B 11 6.43 -2.53 3.19
C GLN B 11 6.79 -3.36 1.95
N ARG B 12 6.40 -4.65 1.94
CA ARG B 12 6.59 -5.60 0.83
C ARG B 12 5.38 -6.54 0.69
N ARG B 13 5.34 -7.31 -0.40
CA ARG B 13 4.27 -8.28 -0.71
C ARG B 13 4.85 -9.55 -1.37
N ARG B 14 4.02 -10.61 -1.40
CA ARG B 14 4.31 -11.95 -1.94
C ARG B 14 4.87 -11.95 -3.38
N ALA B 15 5.63 -12.99 -3.72
CA ALA B 15 6.22 -13.23 -5.03
C ALA B 15 6.39 -14.74 -5.31
N HIS B 16 6.70 -15.10 -6.57
CA HIS B 16 6.86 -16.49 -7.03
C HIS B 16 8.16 -17.18 -6.54
N GLN B 17 9.11 -16.43 -5.97
CA GLN B 17 10.41 -16.89 -5.48
C GLN B 17 10.80 -16.19 -4.16
N GLY B 1 -7.30 18.37 1.84
CA GLY B 1 -8.13 17.80 0.75
C GLY B 1 -9.60 17.71 1.15
N ILE B 2 -10.48 17.45 0.17
CA ILE B 2 -11.96 17.40 0.33
C ILE B 2 -12.62 16.15 -0.27
N SER B 3 -11.81 15.19 -0.76
CA SER B 3 -12.26 13.91 -1.33
C SER B 3 -11.16 12.84 -1.21
N TYR B 4 -11.49 11.57 -1.43
CA TYR B 4 -10.63 10.41 -1.18
C TYR B 4 -10.76 9.32 -2.26
N GLY B 5 -9.74 8.46 -2.35
CA GLY B 5 -9.65 7.35 -3.32
C GLY B 5 -8.34 6.56 -3.21
N ARG B 6 -7.85 6.39 -1.97
CA ARG B 6 -6.53 5.81 -1.59
C ARG B 6 -6.64 5.09 -0.23
N LYS B 7 -5.58 4.40 0.18
CA LYS B 7 -5.45 3.72 1.49
C LYS B 7 -4.09 3.98 2.15
N LYS B 8 -3.92 3.49 3.38
CA LYS B 8 -2.63 3.45 4.09
C LYS B 8 -1.58 2.71 3.24
N ARG B 9 -0.38 3.28 3.13
CA ARG B 9 0.74 2.69 2.37
C ARG B 9 1.18 1.33 2.98
N ARG B 10 1.82 0.46 2.19
CA ARG B 10 2.27 -0.89 2.62
C ARG B 10 3.59 -1.30 1.99
N GLN B 11 4.30 -2.24 2.62
CA GLN B 11 5.59 -2.76 2.15
C GLN B 11 5.54 -4.28 1.97
N ARG B 12 6.09 -4.74 0.85
CA ARG B 12 6.36 -6.15 0.49
C ARG B 12 7.75 -6.26 -0.13
N ARG B 13 8.14 -7.46 -0.57
CA ARG B 13 9.46 -7.78 -1.16
C ARG B 13 9.26 -8.58 -2.46
N ARG B 14 10.14 -8.35 -3.43
CA ARG B 14 9.99 -8.82 -4.84
C ARG B 14 11.26 -9.50 -5.39
N ALA B 15 12.20 -9.86 -4.52
CA ALA B 15 13.47 -10.51 -4.86
C ALA B 15 13.92 -11.50 -3.76
N HIS B 16 14.89 -12.36 -4.10
CA HIS B 16 15.39 -13.45 -3.22
C HIS B 16 16.93 -13.63 -3.30
N GLN B 17 17.64 -12.64 -3.85
CA GLN B 17 19.10 -12.62 -4.05
C GLN B 17 19.68 -11.19 -3.98
N GLY B 1 -17.19 15.04 -7.84
CA GLY B 1 -16.91 13.84 -7.00
C GLY B 1 -15.43 13.49 -7.00
N ILE B 2 -15.10 12.27 -6.56
CA ILE B 2 -13.72 11.72 -6.48
C ILE B 2 -13.67 10.25 -6.94
N SER B 3 -12.46 9.74 -7.21
CA SER B 3 -12.23 8.40 -7.78
C SER B 3 -11.13 7.60 -7.06
N TYR B 4 -10.71 8.06 -5.86
CA TYR B 4 -9.67 7.44 -5.03
C TYR B 4 -9.90 7.71 -3.53
N GLY B 5 -9.43 6.81 -2.68
CA GLY B 5 -9.36 6.98 -1.21
C GLY B 5 -7.99 6.65 -0.59
N ARG B 6 -7.01 6.25 -1.41
CA ARG B 6 -5.57 6.08 -1.08
C ARG B 6 -5.27 5.53 0.34
N LYS B 7 -5.47 4.22 0.51
CA LYS B 7 -5.19 3.46 1.75
C LYS B 7 -3.74 3.60 2.27
N LYS B 8 -3.54 3.12 3.49
CA LYS B 8 -2.24 2.93 4.18
C LYS B 8 -1.17 2.35 3.23
N ARG B 9 -0.05 3.06 3.07
CA ARG B 9 1.07 2.68 2.17
C ARG B 9 1.76 1.37 2.63
N ARG B 10 2.34 0.60 1.69
CA ARG B 10 3.04 -0.68 1.98
C ARG B 10 4.08 -1.06 0.91
N GLN B 11 4.98 -1.99 1.22
CA GLN B 11 6.01 -2.51 0.28
C GLN B 11 6.00 -4.06 0.23
N ARG B 12 6.62 -4.64 -0.81
CA ARG B 12 6.80 -6.11 -0.93
C ARG B 12 8.25 -6.53 -1.22
N ARG B 13 9.13 -5.57 -1.55
CA ARG B 13 10.60 -5.71 -1.67
C ARG B 13 11.04 -6.95 -2.45
N ARG B 14 10.57 -7.03 -3.69
CA ARG B 14 10.68 -8.17 -4.62
C ARG B 14 12.15 -8.46 -5.01
N ALA B 15 12.46 -9.72 -5.30
CA ALA B 15 13.83 -10.22 -5.48
C ALA B 15 14.00 -11.23 -6.64
N HIS B 16 13.01 -11.31 -7.55
CA HIS B 16 12.97 -12.27 -8.68
C HIS B 16 12.47 -11.61 -9.99
N GLN B 17 12.66 -10.29 -10.11
CA GLN B 17 12.14 -9.43 -11.19
C GLN B 17 13.08 -8.26 -11.48
N GLY B 1 -10.03 12.73 9.70
CA GLY B 1 -10.56 13.10 8.37
C GLY B 1 -11.19 11.91 7.65
N ILE B 2 -11.29 11.99 6.32
CA ILE B 2 -11.89 10.98 5.42
C ILE B 2 -11.06 10.82 4.14
N SER B 3 -11.33 9.77 3.37
CA SER B 3 -10.72 9.48 2.05
C SER B 3 -11.78 9.07 1.02
N TYR B 4 -11.47 9.28 -0.27
CA TYR B 4 -12.43 9.16 -1.38
C TYR B 4 -11.87 8.45 -2.63
N GLY B 5 -10.66 7.87 -2.54
CA GLY B 5 -10.00 7.19 -3.66
C GLY B 5 -8.59 6.65 -3.41
N ARG B 6 -8.18 6.45 -2.14
CA ARG B 6 -6.87 5.92 -1.70
C ARG B 6 -6.99 5.20 -0.34
N LYS B 7 -5.95 4.43 0.02
CA LYS B 7 -5.75 3.80 1.34
C LYS B 7 -4.41 4.21 1.96
N LYS B 8 -4.12 3.70 3.16
CA LYS B 8 -2.85 3.90 3.88
C LYS B 8 -1.65 3.37 3.07
N ARG B 9 -0.45 3.91 3.32
CA ARG B 9 0.82 3.37 2.80
C ARG B 9 1.12 1.97 3.36
N ARG B 10 2.10 1.28 2.76
CA ARG B 10 2.42 -0.16 2.93
C ARG B 10 3.92 -0.43 2.71
N GLN B 11 4.33 -1.69 2.67
CA GLN B 11 5.66 -2.11 2.19
C GLN B 11 5.52 -3.32 1.25
N ARG B 12 4.90 -4.40 1.72
CA ARG B 12 4.58 -5.62 0.94
C ARG B 12 3.10 -6.01 1.08
N ARG B 13 2.60 -6.73 0.07
CA ARG B 13 1.22 -7.24 -0.04
C ARG B 13 1.16 -8.38 -1.06
N ARG B 14 0.11 -9.21 -1.01
CA ARG B 14 -0.18 -10.27 -1.99
C ARG B 14 -1.69 -10.54 -2.08
N ALA B 15 -2.17 -10.93 -3.25
CA ALA B 15 -3.53 -11.42 -3.50
C ALA B 15 -3.55 -12.53 -4.57
N HIS B 16 -4.62 -13.33 -4.58
CA HIS B 16 -4.80 -14.47 -5.53
C HIS B 16 -6.27 -14.84 -5.75
N GLN B 17 -7.08 -14.87 -4.68
CA GLN B 17 -8.51 -15.23 -4.67
C GLN B 17 -9.28 -14.46 -3.58
N GLY B 1 -10.39 21.97 -8.53
CA GLY B 1 -11.00 21.14 -7.47
C GLY B 1 -10.00 20.19 -6.83
N ILE B 2 -10.49 19.13 -6.19
CA ILE B 2 -9.69 18.09 -5.49
C ILE B 2 -10.26 16.68 -5.77
N SER B 3 -9.46 15.65 -5.45
CA SER B 3 -9.78 14.23 -5.67
C SER B 3 -9.31 13.35 -4.51
N TYR B 4 -9.93 12.18 -4.34
CA TYR B 4 -9.64 11.18 -3.30
C TYR B 4 -10.03 9.75 -3.74
N GLY B 5 -9.33 8.75 -3.21
CA GLY B 5 -9.50 7.32 -3.54
C GLY B 5 -8.24 6.52 -3.22
N ARG B 6 -7.81 6.51 -1.94
CA ARG B 6 -6.52 5.98 -1.47
C ARG B 6 -6.61 5.30 -0.09
N LYS B 7 -5.56 4.55 0.27
CA LYS B 7 -5.42 3.78 1.53
C LYS B 7 -4.02 3.92 2.16
N LYS B 8 -3.82 3.23 3.29
CA LYS B 8 -2.52 3.01 3.95
C LYS B 8 -1.54 2.28 3.03
N ARG B 9 -0.26 2.64 3.07
CA ARG B 9 0.80 2.12 2.19
C ARG B 9 1.51 0.89 2.81
N ARG B 10 2.18 0.06 1.99
CA ARG B 10 2.82 -1.22 2.40
C ARG B 10 4.02 -1.62 1.53
N GLN B 11 4.81 -2.59 1.97
CA GLN B 11 6.00 -3.10 1.27
C GLN B 11 6.07 -4.64 1.24
N ARG B 12 6.94 -5.18 0.37
CA ARG B 12 7.20 -6.62 0.12
C ARG B 12 8.71 -6.87 -0.06
N ARG B 13 9.10 -8.03 -0.61
CA ARG B 13 10.49 -8.53 -0.70
C ARG B 13 10.92 -8.89 -2.14
N ARG B 14 10.27 -8.28 -3.14
CA ARG B 14 10.48 -8.53 -4.60
C ARG B 14 11.75 -7.88 -5.18
N ALA B 15 12.52 -7.16 -4.39
CA ALA B 15 13.74 -6.45 -4.82
C ALA B 15 14.87 -7.34 -5.40
N HIS B 16 14.81 -8.66 -5.19
CA HIS B 16 15.88 -9.62 -5.56
C HIS B 16 15.36 -10.97 -6.11
N GLN B 17 14.04 -11.13 -6.30
CA GLN B 17 13.38 -12.41 -6.65
C GLN B 17 12.11 -12.23 -7.50
N GLY B 1 -6.85 13.73 12.57
CA GLY B 1 -7.57 13.24 11.38
C GLY B 1 -7.87 11.75 11.46
N ILE B 2 -8.29 11.14 10.34
CA ILE B 2 -8.68 9.72 10.24
C ILE B 2 -7.93 8.99 9.10
N SER B 3 -7.52 9.72 8.06
CA SER B 3 -6.72 9.20 6.92
C SER B 3 -5.81 10.29 6.33
N TYR B 4 -4.84 9.89 5.49
CA TYR B 4 -3.85 10.78 4.85
C TYR B 4 -3.50 10.39 3.40
N GLY B 5 -4.31 9.52 2.79
CA GLY B 5 -4.13 8.98 1.43
C GLY B 5 -5.24 8.00 1.05
N ARG B 6 -5.15 7.39 -0.15
CA ARG B 6 -6.15 6.44 -0.68
C ARG B 6 -6.34 5.21 0.24
N LYS B 7 -5.24 4.73 0.83
CA LYS B 7 -5.16 3.73 1.90
C LYS B 7 -3.86 3.88 2.69
N LYS B 8 -3.71 3.05 3.72
CA LYS B 8 -2.48 2.85 4.50
C LYS B 8 -1.38 2.30 3.57
N ARG B 9 -0.30 3.07 3.35
CA ARG B 9 0.83 2.71 2.45
C ARG B 9 1.50 1.39 2.89
N ARG B 10 2.01 0.58 1.96
CA ARG B 10 2.53 -0.79 2.24
C ARG B 10 3.67 -1.25 1.31
N GLN B 11 4.40 -2.28 1.72
CA GLN B 11 5.38 -3.00 0.89
C GLN B 11 5.33 -4.50 1.17
N ARG B 12 5.47 -5.34 0.12
CA ARG B 12 5.65 -6.81 0.27
C ARG B 12 7.07 -7.16 0.73
N ARG B 13 8.08 -6.42 0.25
CA ARG B 13 9.53 -6.50 0.57
C ARG B 13 10.24 -7.85 0.27
N ARG B 14 9.51 -8.96 0.09
CA ARG B 14 10.02 -10.30 -0.28
C ARG B 14 9.25 -10.95 -1.46
N ALA B 15 8.35 -10.22 -2.10
CA ALA B 15 7.55 -10.66 -3.25
C ALA B 15 7.22 -9.48 -4.21
N HIS B 16 6.59 -9.80 -5.35
CA HIS B 16 6.26 -8.86 -6.44
C HIS B 16 4.88 -9.16 -7.06
N GLN B 17 4.37 -8.21 -7.87
CA GLN B 17 3.18 -8.36 -8.72
C GLN B 17 3.25 -9.57 -9.69
N GLY B 1 1.40 11.45 4.90
CA GLY B 1 0.12 12.15 5.05
C GLY B 1 -1.03 11.15 5.16
N ILE B 2 -1.94 11.37 6.12
CA ILE B 2 -3.18 10.58 6.27
C ILE B 2 -4.06 10.73 5.01
N SER B 3 -4.77 9.66 4.64
CA SER B 3 -5.59 9.58 3.40
C SER B 3 -6.92 8.86 3.63
N TYR B 4 -7.85 9.03 2.69
CA TYR B 4 -9.26 8.61 2.79
C TYR B 4 -9.79 7.94 1.50
N GLY B 5 -8.87 7.50 0.63
CA GLY B 5 -9.16 6.94 -0.71
C GLY B 5 -7.96 6.26 -1.37
N ARG B 6 -7.01 5.74 -0.58
CA ARG B 6 -5.75 5.07 -0.99
C ARG B 6 -5.38 3.96 0.01
N LYS B 7 -4.57 2.98 -0.43
CA LYS B 7 -4.12 1.85 0.40
C LYS B 7 -3.14 2.29 1.50
N LYS B 8 -3.06 1.48 2.57
CA LYS B 8 -2.27 1.61 3.82
C LYS B 8 -0.73 1.62 3.67
N ARG B 9 -0.16 2.07 2.54
CA ARG B 9 1.29 2.22 2.26
C ARG B 9 2.15 1.01 2.72
N ARG B 10 1.91 -0.18 2.13
CA ARG B 10 2.55 -1.47 2.47
C ARG B 10 4.09 -1.43 2.46
N GLN B 11 4.74 -2.31 3.23
CA GLN B 11 6.20 -2.53 3.14
C GLN B 11 6.53 -3.47 1.97
N ARG B 12 6.07 -4.73 2.05
CA ARG B 12 6.29 -5.81 1.06
C ARG B 12 4.99 -6.55 0.76
N ARG B 13 4.95 -7.22 -0.40
CA ARG B 13 3.91 -8.15 -0.89
C ARG B 13 4.57 -9.15 -1.86
N ARG B 14 4.14 -10.42 -1.86
CA ARG B 14 4.56 -11.46 -2.82
C ARG B 14 3.57 -12.64 -2.84
N ALA B 15 3.49 -13.35 -3.96
CA ALA B 15 2.78 -14.63 -4.07
C ALA B 15 3.44 -15.74 -3.22
N HIS B 16 2.72 -16.86 -3.04
CA HIS B 16 3.17 -18.03 -2.27
C HIS B 16 2.58 -19.35 -2.82
N GLN B 17 3.09 -20.48 -2.34
CA GLN B 17 2.72 -21.85 -2.74
C GLN B 17 2.88 -22.86 -1.59
N GLY B 1 -2.70 2.02 9.93
CA GLY B 1 -3.33 3.36 9.89
C GLY B 1 -4.49 3.39 8.90
N ILE B 2 -4.85 4.60 8.43
CA ILE B 2 -5.95 4.87 7.48
C ILE B 2 -5.56 6.00 6.49
N SER B 3 -6.39 6.24 5.48
CA SER B 3 -6.26 7.33 4.49
C SER B 3 -7.55 8.16 4.37
N TYR B 4 -7.68 8.91 3.28
CA TYR B 4 -8.86 9.70 2.91
C TYR B 4 -9.40 9.32 1.51
N GLY B 5 -8.89 8.23 0.90
CA GLY B 5 -9.28 7.79 -0.46
C GLY B 5 -8.20 7.03 -1.26
N ARG B 6 -7.25 6.38 -0.58
CA ARG B 6 -6.14 5.59 -1.17
C ARG B 6 -5.83 4.35 -0.31
N LYS B 7 -5.00 3.43 -0.82
CA LYS B 7 -4.55 2.27 -0.03
C LYS B 7 -3.54 2.68 1.03
N LYS B 8 -3.66 2.06 2.21
CA LYS B 8 -2.68 2.13 3.32
C LYS B 8 -1.29 1.67 2.81
N ARG B 9 -0.32 2.59 2.78
CA ARG B 9 1.01 2.39 2.17
C ARG B 9 1.72 1.13 2.73
N ARG B 10 2.34 0.29 1.88
CA ARG B 10 2.89 -1.03 2.27
C ARG B 10 4.15 -1.45 1.49
N GLN B 11 4.93 -2.37 2.06
CA GLN B 11 6.11 -3.00 1.42
C GLN B 11 6.10 -4.53 1.60
N ARG B 12 7.03 -5.21 0.92
CA ARG B 12 7.27 -6.66 0.96
C ARG B 12 8.77 -6.96 0.97
N ARG B 13 9.16 -8.17 1.35
CA ARG B 13 10.57 -8.59 1.51
C ARG B 13 10.76 -10.08 1.13
N ARG B 14 12.00 -10.46 0.82
CA ARG B 14 12.41 -11.81 0.36
C ARG B 14 13.85 -12.13 0.77
N ALA B 15 14.15 -13.42 0.91
CA ALA B 15 15.49 -13.96 1.18
C ALA B 15 15.68 -15.33 0.49
N HIS B 16 16.94 -15.81 0.42
CA HIS B 16 17.34 -17.04 -0.27
C HIS B 16 18.41 -17.82 0.51
N GLN B 17 18.59 -19.10 0.17
CA GLN B 17 19.57 -20.03 0.77
C GLN B 17 20.08 -21.09 -0.24
N GLY B 1 1.28 14.31 0.85
CA GLY B 1 0.49 15.43 1.39
C GLY B 1 -0.84 14.93 1.93
N ILE B 2 -1.93 15.21 1.21
CA ILE B 2 -3.31 14.77 1.51
C ILE B 2 -3.95 14.27 0.20
N SER B 3 -4.70 13.17 0.27
CA SER B 3 -5.33 12.52 -0.91
C SER B 3 -6.67 11.84 -0.55
N TYR B 4 -7.47 11.58 -1.58
CA TYR B 4 -8.80 10.94 -1.49
C TYR B 4 -8.96 9.91 -2.63
N GLY B 5 -9.85 8.92 -2.46
CA GLY B 5 -9.93 7.76 -3.36
C GLY B 5 -8.65 6.91 -3.30
N ARG B 6 -8.12 6.73 -2.07
CA ARG B 6 -6.85 6.05 -1.73
C ARG B 6 -6.99 5.34 -0.36
N LYS B 7 -5.99 4.51 -0.02
CA LYS B 7 -5.84 3.87 1.30
C LYS B 7 -4.55 4.30 2.01
N LYS B 8 -4.45 3.93 3.29
CA LYS B 8 -3.25 4.03 4.14
C LYS B 8 -2.04 3.33 3.47
N ARG B 9 -0.83 3.86 3.71
CA ARG B 9 0.44 3.37 3.12
C ARG B 9 0.80 1.94 3.59
N ARG B 10 1.81 1.33 2.94
CA ARG B 10 2.17 -0.11 3.03
C ARG B 10 3.69 -0.34 2.94
N GLN B 11 4.13 -1.60 2.91
CA GLN B 11 5.52 -2.01 2.59
C GLN B 11 5.49 -2.98 1.39
N ARG B 12 5.49 -4.29 1.63
CA ARG B 12 5.59 -5.35 0.61
C ARG B 12 4.45 -6.38 0.72
N ARG B 13 4.32 -7.21 -0.33
CA ARG B 13 3.30 -8.28 -0.49
C ARG B 13 3.88 -9.61 -1.00
N ARG B 14 5.21 -9.69 -1.13
CA ARG B 14 5.95 -10.77 -1.82
C ARG B 14 7.07 -11.31 -0.93
N ALA B 15 7.49 -12.56 -1.19
CA ALA B 15 8.58 -13.26 -0.49
C ALA B 15 9.33 -14.21 -1.45
N HIS B 16 10.55 -14.59 -1.08
CA HIS B 16 11.50 -15.31 -1.96
C HIS B 16 12.24 -16.48 -1.28
N GLN B 17 11.86 -16.83 -0.05
CA GLN B 17 12.45 -17.91 0.77
C GLN B 17 11.39 -18.58 1.66
N GLY B 1 -16.70 10.74 4.98
CA GLY B 1 -15.37 10.23 5.39
C GLY B 1 -14.27 11.23 5.05
N ILE B 2 -13.09 10.72 4.69
CA ILE B 2 -11.85 11.52 4.46
C ILE B 2 -11.12 11.15 3.14
N SER B 3 -11.68 10.25 2.33
CA SER B 3 -11.16 9.88 1.01
C SER B 3 -12.27 9.60 -0.01
N TYR B 4 -11.92 9.63 -1.30
CA TYR B 4 -12.79 9.42 -2.45
C TYR B 4 -12.08 8.65 -3.60
N GLY B 5 -10.87 8.11 -3.35
CA GLY B 5 -10.08 7.45 -4.40
C GLY B 5 -8.63 7.03 -4.05
N ARG B 6 -8.24 7.06 -2.77
CA ARG B 6 -6.92 6.63 -2.24
C ARG B 6 -7.06 6.03 -0.83
N LYS B 7 -6.01 5.37 -0.32
CA LYS B 7 -5.97 4.79 1.03
C LYS B 7 -4.59 4.87 1.70
N LYS B 8 -4.55 4.38 2.94
CA LYS B 8 -3.35 4.10 3.76
C LYS B 8 -2.24 3.41 2.93
N ARG B 9 -0.98 3.89 3.05
CA ARG B 9 0.19 3.28 2.39
C ARG B 9 0.53 1.91 3.00
N ARG B 10 1.25 1.04 2.26
CA ARG B 10 1.72 -0.28 2.73
C ARG B 10 3.06 -0.69 2.12
N GLN B 11 3.69 -1.72 2.68
CA GLN B 11 4.89 -2.38 2.12
C GLN B 11 4.70 -3.91 2.18
N ARG B 12 5.28 -4.62 1.21
CA ARG B 12 5.37 -6.08 1.13
C ARG B 12 6.72 -6.48 0.56
N ARG B 13 7.24 -7.64 0.98
CA ARG B 13 8.54 -8.20 0.55
C ARG B 13 8.39 -9.68 0.19
N ARG B 14 9.42 -10.26 -0.42
CA ARG B 14 9.43 -11.61 -1.02
C ARG B 14 10.59 -12.46 -0.47
N ALA B 15 10.49 -13.78 -0.61
CA ALA B 15 11.48 -14.75 -0.08
C ALA B 15 11.57 -16.02 -0.95
N HIS B 16 12.61 -16.83 -0.71
CA HIS B 16 12.88 -18.11 -1.38
C HIS B 16 13.65 -19.08 -0.45
N GLN B 17 13.63 -20.38 -0.75
CA GLN B 17 14.29 -21.45 0.00
C GLN B 17 14.74 -22.60 -0.93
#